data_4XQ3
#
_entry.id   4XQ3
#
_cell.length_a   197.214
_cell.length_b   197.214
_cell.length_c   38.880
_cell.angle_alpha   90.000
_cell.angle_beta   90.000
_cell.angle_gamma   120.000
#
_symmetry.space_group_name_H-M   'H 3'
#
loop_
_entity.id
_entity.type
_entity.pdbx_description
1 polymer 'Like-Sm ribonucleoprotein core'
2 water water
#
_entity_poly.entity_id   1
_entity_poly.type   'polypeptide(L)'
_entity_poly.pdbx_seq_one_letter_code
;GAMDMQAKVENPLKSLRTAINRIVLVKLKDGSEYIGKLEQTDGTMNLVLRDCTEIREGTSEPVAKYGRVLIRGSNILFIS
VDYETVMNSEK
;
_entity_poly.pdbx_strand_id   A,B,C,D,E,F,G
#
# COMPACT_ATOMS: atom_id res chain seq x y z
N ASN A 11 15.93 9.00 21.17
CA ASN A 11 15.11 8.75 19.98
C ASN A 11 14.70 7.28 19.89
N PRO A 12 13.51 7.02 19.32
CA PRO A 12 12.85 5.71 19.34
C PRO A 12 13.70 4.51 18.94
N LEU A 13 14.48 4.61 17.88
CA LEU A 13 15.12 3.41 17.33
C LEU A 13 16.37 2.97 18.08
N LYS A 14 16.66 3.64 19.18
CA LYS A 14 17.71 3.17 20.06
C LYS A 14 17.05 2.61 21.31
N SER A 15 15.80 2.98 21.52
CA SER A 15 15.00 2.35 22.56
C SER A 15 14.82 0.89 22.20
N LEU A 16 14.77 0.64 20.90
CA LEU A 16 14.62 -0.71 20.36
C LEU A 16 15.80 -1.60 20.73
N ARG A 17 17.01 -1.04 20.71
CA ARG A 17 18.22 -1.79 20.97
C ARG A 17 18.39 -2.15 22.45
N THR A 18 17.55 -1.56 23.30
CA THR A 18 17.55 -1.87 24.72
C THR A 18 17.19 -3.33 24.93
N ALA A 19 16.37 -3.86 24.02
CA ALA A 19 15.79 -5.19 24.17
C ALA A 19 16.54 -6.29 23.41
N ILE A 20 17.80 -6.03 23.08
CA ILE A 20 18.63 -7.05 22.45
C ILE A 20 18.72 -8.28 23.34
N ASN A 21 18.63 -9.47 22.73
CA ASN A 21 18.61 -10.74 23.47
C ASN A 21 17.48 -10.82 24.47
N ARG A 22 16.46 -10.00 24.28
CA ARG A 22 15.27 -10.06 25.13
C ARG A 22 14.03 -10.22 24.26
N ILE A 23 12.93 -10.66 24.87
CA ILE A 23 11.73 -10.91 24.11
C ILE A 23 10.95 -9.64 23.84
N VAL A 24 10.66 -9.40 22.56
CA VAL A 24 9.80 -8.30 22.17
C VAL A 24 8.54 -8.86 21.53
N LEU A 25 7.55 -8.00 21.34
CA LEU A 25 6.35 -8.39 20.62
C LEU A 25 6.20 -7.50 19.39
N VAL A 26 5.92 -8.11 18.25
CA VAL A 26 5.81 -7.36 17.01
C VAL A 26 4.47 -7.60 16.32
N LYS A 27 3.75 -6.53 16.03
CA LYS A 27 2.48 -6.65 15.35
C LYS A 27 2.57 -6.13 13.92
N LEU A 28 2.25 -7.00 12.96
CA LEU A 28 2.32 -6.63 11.54
C LEU A 28 1.01 -6.01 11.06
N LYS A 29 1.02 -5.44 9.86
CA LYS A 29 -0.12 -4.71 9.31
C LYS A 29 -1.39 -5.54 9.26
N ASP A 30 -1.23 -6.84 9.01
CA ASP A 30 -2.37 -7.76 8.96
C ASP A 30 -2.85 -8.15 10.36
N GLY A 31 -2.24 -7.57 11.38
CA GLY A 31 -2.70 -7.74 12.74
C GLY A 31 -2.21 -8.99 13.44
N SER A 32 -1.33 -9.74 12.78
CA SER A 32 -0.76 -10.93 13.41
C SER A 32 0.41 -10.55 14.31
N GLU A 33 0.41 -11.08 15.54
CA GLU A 33 1.42 -10.70 16.52
C GLU A 33 2.48 -11.79 16.68
N TYR A 34 3.73 -11.37 16.81
CA TYR A 34 4.85 -12.30 16.93
C TYR A 34 5.79 -11.90 18.06
N ILE A 35 6.25 -12.89 18.82
CA ILE A 35 7.25 -12.64 19.84
C ILE A 35 8.51 -13.45 19.55
N GLY A 36 9.59 -13.09 20.21
CA GLY A 36 10.87 -13.73 19.98
C GLY A 36 11.97 -12.83 20.50
N LYS A 37 13.17 -13.36 20.63
CA LYS A 37 14.25 -12.59 21.20
C LYS A 37 14.93 -11.76 20.13
N LEU A 38 14.92 -10.43 20.32
CA LEU A 38 15.50 -9.51 19.35
C LEU A 38 17.01 -9.66 19.27
N GLU A 39 17.51 -9.96 18.08
CA GLU A 39 18.95 -9.98 17.84
C GLU A 39 19.45 -8.68 17.23
N GLN A 40 18.90 -8.35 16.07
CA GLN A 40 19.45 -7.28 15.25
C GLN A 40 18.36 -6.36 14.69
N THR A 41 18.71 -5.10 14.52
CA THR A 41 17.79 -4.06 14.06
C THR A 41 18.50 -3.10 13.12
N ASP A 42 17.74 -2.19 12.51
CA ASP A 42 18.31 -1.15 11.66
C ASP A 42 17.30 -0.02 11.54
N GLY A 43 17.69 1.04 10.83
CA GLY A 43 16.91 2.26 10.76
C GLY A 43 15.52 2.14 10.15
N THR A 44 15.23 1.05 9.48
CA THR A 44 13.91 0.85 8.88
C THR A 44 13.12 -0.13 9.73
N MET A 45 13.64 -0.42 10.93
CA MET A 45 13.04 -1.38 11.84
C MET A 45 12.98 -2.79 11.28
N ASN A 46 13.87 -3.13 10.35
CA ASN A 46 14.00 -4.54 9.95
C ASN A 46 14.64 -5.29 11.10
N LEU A 47 13.92 -6.28 11.65
CA LEU A 47 14.40 -6.94 12.86
C LEU A 47 14.85 -8.35 12.55
N VAL A 48 15.63 -8.91 13.47
CA VAL A 48 15.89 -10.33 13.47
C VAL A 48 15.49 -10.88 14.82
N LEU A 49 14.69 -11.95 14.83
CA LEU A 49 14.24 -12.56 16.07
C LEU A 49 14.67 -14.01 16.17
N ARG A 50 14.99 -14.45 17.38
CA ARG A 50 15.18 -15.88 17.64
C ARG A 50 13.93 -16.47 18.23
N ASP A 51 13.74 -17.78 18.03
CA ASP A 51 12.67 -18.51 18.66
C ASP A 51 11.34 -17.77 18.47
N CYS A 52 11.01 -17.52 17.21
CA CYS A 52 9.85 -16.71 16.87
C CYS A 52 8.57 -17.53 16.94
N THR A 53 7.49 -16.93 17.46
CA THR A 53 6.23 -17.63 17.67
C THR A 53 5.05 -16.68 17.47
N GLU A 54 3.83 -17.22 17.41
CA GLU A 54 2.65 -16.41 17.07
C GLU A 54 1.62 -16.22 18.20
N ILE A 55 1.87 -16.87 19.33
CA ILE A 55 1.22 -16.63 20.63
C ILE A 55 -0.30 -16.36 20.79
N ARG A 56 -0.98 -15.87 19.75
CA ARG A 56 -2.38 -15.42 19.84
C ARG A 56 -2.51 -14.17 20.70
N GLU A 57 -3.25 -13.16 20.22
CA GLU A 57 -3.43 -11.91 20.95
C GLU A 57 -4.05 -12.11 22.34
N GLY A 58 -3.45 -11.48 23.34
CA GLY A 58 -3.95 -11.53 24.69
C GLY A 58 -3.28 -12.60 25.53
N THR A 59 -2.91 -13.70 24.88
CA THR A 59 -2.26 -14.79 25.59
C THR A 59 -0.86 -15.05 25.06
N SER A 60 -0.12 -15.85 25.81
CA SER A 60 1.15 -16.35 25.32
C SER A 60 1.03 -17.84 25.04
N GLU A 61 -0.01 -18.21 24.28
CA GLU A 61 -0.18 -19.59 23.82
C GLU A 61 0.09 -19.69 22.33
N PRO A 62 1.25 -20.24 21.96
CA PRO A 62 1.78 -20.37 20.60
C PRO A 62 0.78 -20.79 19.53
N VAL A 63 1.04 -20.36 18.30
CA VAL A 63 0.31 -20.79 17.12
C VAL A 63 1.29 -21.47 16.16
N ALA A 64 2.32 -20.73 15.77
CA ALA A 64 3.32 -21.24 14.84
C ALA A 64 4.72 -20.83 15.27
N LYS A 65 5.64 -21.80 15.33
CA LYS A 65 7.04 -21.52 15.60
C LYS A 65 7.74 -21.19 14.29
N TYR A 66 8.71 -20.29 14.32
CA TYR A 66 9.35 -19.85 13.09
C TYR A 66 10.87 -19.77 13.16
N GLY A 67 11.45 -19.99 14.34
CA GLY A 67 12.89 -19.97 14.52
C GLY A 67 13.46 -18.58 14.34
N ARG A 68 14.63 -18.49 13.74
CA ARG A 68 15.23 -17.19 13.45
C ARG A 68 14.57 -16.57 12.24
N VAL A 69 14.02 -15.37 12.41
CA VAL A 69 13.25 -14.70 11.37
C VAL A 69 13.77 -13.30 11.11
N LEU A 70 13.77 -12.89 9.84
CA LEU A 70 14.02 -11.49 9.49
C LEU A 70 12.72 -10.80 9.14
N ILE A 71 12.32 -9.85 9.98
CA ILE A 71 11.07 -9.15 9.77
C ILE A 71 11.31 -7.84 9.03
N ARG A 72 10.66 -7.68 7.89
CA ARG A 72 10.76 -6.46 7.11
C ARG A 72 10.05 -5.32 7.83
N GLY A 73 10.75 -4.21 8.01
CA GLY A 73 10.31 -3.14 8.89
C GLY A 73 9.09 -2.34 8.47
N SER A 74 8.86 -2.22 7.18
CA SER A 74 7.78 -1.39 6.68
C SER A 74 6.39 -1.92 7.04
N ASN A 75 6.31 -3.21 7.35
CA ASN A 75 5.04 -3.86 7.65
C ASN A 75 4.71 -3.90 9.13
N ILE A 76 5.52 -3.22 9.93
CA ILE A 76 5.38 -3.26 11.39
C ILE A 76 4.44 -2.18 11.88
N LEU A 77 3.43 -2.57 12.64
CA LEU A 77 2.56 -1.60 13.29
C LEU A 77 3.23 -1.07 14.55
N PHE A 78 3.60 -1.97 15.46
CA PHE A 78 4.34 -1.57 16.64
C PHE A 78 5.19 -2.70 17.22
N ILE A 79 6.13 -2.31 18.08
CA ILE A 79 7.02 -3.23 18.74
C ILE A 79 7.04 -2.91 20.23
N SER A 80 6.62 -3.87 21.06
CA SER A 80 6.73 -3.70 22.49
C SER A 80 8.10 -4.20 22.93
N VAL A 81 9.02 -3.26 23.12
CA VAL A 81 10.40 -3.56 23.48
C VAL A 81 10.51 -4.15 24.87
N ASP A 82 9.61 -3.77 25.77
CA ASP A 82 9.66 -4.25 27.14
C ASP A 82 8.59 -5.27 27.43
N TYR A 83 8.42 -6.21 26.51
CA TYR A 83 7.81 -7.48 26.84
C TYR A 83 8.91 -8.22 27.62
N GLU A 84 8.54 -9.32 28.29
CA GLU A 84 9.43 -10.10 29.17
C GLU A 84 9.47 -9.48 30.57
N THR A 85 8.94 -8.28 30.71
CA THR A 85 8.65 -7.73 32.03
C THR A 85 7.16 -7.88 32.25
N VAL A 86 6.43 -8.04 31.15
CA VAL A 86 5.08 -8.59 31.17
C VAL A 86 5.26 -10.09 31.44
N MET A 87 5.58 -10.36 32.69
CA MET A 87 6.05 -11.63 33.20
C MET A 87 5.45 -11.68 34.58
N ASN A 88 4.92 -10.51 34.92
CA ASN A 88 4.70 -10.02 36.26
C ASN A 88 3.23 -9.80 36.60
N GLU B 10 2.36 26.47 10.30
CA GLU B 10 3.77 26.48 10.63
C GLU B 10 4.35 25.08 10.56
N ASN B 11 4.93 24.60 11.67
CA ASN B 11 5.47 23.24 11.71
C ASN B 11 4.65 22.30 12.59
N PRO B 12 3.97 21.35 11.97
CA PRO B 12 3.05 20.42 12.65
C PRO B 12 3.75 19.44 13.60
N LEU B 13 5.01 19.11 13.36
CA LEU B 13 5.68 18.09 14.17
C LEU B 13 6.19 18.64 15.49
N LYS B 14 6.33 19.96 15.58
CA LYS B 14 6.72 20.57 16.84
C LYS B 14 5.58 20.42 17.83
N SER B 15 4.36 20.30 17.30
CA SER B 15 3.17 20.08 18.10
C SER B 15 3.15 18.69 18.73
N LEU B 16 4.12 17.87 18.33
CA LEU B 16 4.22 16.50 18.80
C LEU B 16 5.20 16.45 19.96
N ARG B 17 6.12 17.40 19.99
CA ARG B 17 7.13 17.46 21.02
C ARG B 17 6.57 18.20 22.24
N THR B 18 5.34 18.65 22.12
CA THR B 18 4.68 19.39 23.17
C THR B 18 3.68 18.50 23.91
N ALA B 19 3.55 17.26 23.42
CA ALA B 19 2.65 16.28 24.02
C ALA B 19 3.42 15.23 24.81
N ILE B 20 4.74 15.36 24.80
CA ILE B 20 5.61 14.41 25.47
C ILE B 20 5.38 14.48 26.96
N ASN B 21 5.34 13.32 27.62
CA ASN B 21 5.02 13.19 29.04
C ASN B 21 3.57 13.54 29.28
N ARG B 22 2.75 13.28 28.27
CA ARG B 22 1.31 13.36 28.40
C ARG B 22 0.69 12.16 27.69
N ILE B 23 -0.60 11.94 27.89
CA ILE B 23 -1.31 10.86 27.23
C ILE B 23 -1.77 11.28 25.83
N VAL B 24 -1.49 10.42 24.85
CA VAL B 24 -1.98 10.64 23.49
C VAL B 24 -2.73 9.43 22.95
N LEU B 25 -3.58 9.67 21.96
CA LEU B 25 -4.27 8.60 21.27
C LEU B 25 -3.75 8.48 19.85
N VAL B 26 -3.38 7.25 19.47
CA VAL B 26 -2.85 6.98 18.15
C VAL B 26 -3.76 6.05 17.35
N LYS B 27 -4.28 6.56 16.24
CA LYS B 27 -5.05 5.76 15.29
C LYS B 27 -4.14 5.20 14.21
N LEU B 28 -4.01 3.88 14.16
CA LEU B 28 -3.17 3.22 13.16
C LEU B 28 -3.96 2.94 11.88
N LYS B 29 -3.26 2.54 10.82
CA LYS B 29 -3.87 2.33 9.51
C LYS B 29 -4.98 1.28 9.51
N ASP B 30 -4.82 0.22 10.30
CA ASP B 30 -5.85 -0.83 10.34
C ASP B 30 -7.09 -0.34 11.07
N GLY B 31 -6.96 0.82 11.72
CA GLY B 31 -8.09 1.46 12.38
C GLY B 31 -8.08 1.32 13.89
N SER B 32 -7.19 0.47 14.40
CA SER B 32 -7.09 0.26 15.84
C SER B 32 -6.49 1.47 16.54
N GLU B 33 -7.02 1.78 17.73
CA GLU B 33 -6.59 2.94 18.48
C GLU B 33 -5.81 2.56 19.72
N TYR B 34 -4.80 3.38 20.04
CA TYR B 34 -3.94 3.09 21.18
C TYR B 34 -3.71 4.36 22.00
N ILE B 35 -3.97 4.25 23.30
CA ILE B 35 -3.63 5.33 24.22
C ILE B 35 -2.34 4.96 24.95
N GLY B 36 -1.64 5.97 25.46
CA GLY B 36 -0.40 5.74 26.17
C GLY B 36 0.27 7.07 26.43
N LYS B 37 1.33 7.06 27.24
CA LYS B 37 2.05 8.29 27.53
C LYS B 37 3.25 8.46 26.60
N LEU B 38 3.28 9.57 25.86
CA LEU B 38 4.33 9.82 24.89
C LEU B 38 5.67 10.09 25.57
N GLU B 39 6.73 9.44 25.07
CA GLU B 39 8.07 9.64 25.59
C GLU B 39 9.03 10.25 24.58
N GLN B 40 9.26 9.55 23.47
CA GLN B 40 10.17 10.00 22.44
C GLN B 40 9.47 10.14 21.10
N THR B 41 9.95 11.03 20.24
CA THR B 41 9.40 11.18 18.90
C THR B 41 10.50 11.20 17.85
N ASP B 42 10.11 11.45 16.60
CA ASP B 42 10.99 11.21 15.47
C ASP B 42 10.47 11.94 14.25
N GLY B 43 11.32 12.13 13.26
CA GLY B 43 10.91 12.77 12.02
C GLY B 43 9.89 11.93 11.29
N THR B 44 10.10 10.62 11.28
CA THR B 44 9.19 9.70 10.63
C THR B 44 7.98 9.39 11.50
N MET B 45 7.77 10.23 12.51
CA MET B 45 6.70 10.06 13.49
C MET B 45 6.74 8.73 14.20
N ASN B 46 7.93 8.14 14.30
CA ASN B 46 8.10 6.96 15.15
C ASN B 46 7.90 7.35 16.59
N LEU B 47 6.94 6.70 17.26
CA LEU B 47 6.60 7.07 18.63
C LEU B 47 7.05 6.03 19.62
N VAL B 48 7.31 6.46 20.84
CA VAL B 48 7.51 5.55 21.96
C VAL B 48 6.54 5.92 23.08
N LEU B 49 5.67 4.98 23.43
CA LEU B 49 4.66 5.20 24.46
C LEU B 49 4.91 4.33 25.67
N ARG B 50 4.33 4.71 26.80
CA ARG B 50 4.38 3.91 28.01
C ARG B 50 2.94 3.66 28.47
N ASP B 51 2.75 2.63 29.29
CA ASP B 51 1.42 2.21 29.74
C ASP B 51 0.46 2.15 28.58
N CYS B 52 0.98 1.76 27.41
CA CYS B 52 0.20 1.73 26.19
C CYS B 52 -0.84 0.63 26.25
N THR B 53 -2.11 1.01 26.07
CA THR B 53 -3.17 0.04 26.00
C THR B 53 -3.95 0.25 24.73
N GLU B 54 -4.15 -0.82 23.96
CA GLU B 54 -5.03 -0.74 22.80
C GLU B 54 -6.46 -0.58 23.25
N ILE B 55 -7.19 0.34 22.62
CA ILE B 55 -8.62 0.44 22.86
C ILE B 55 -9.36 0.26 21.54
N ARG B 56 -10.62 -0.16 21.61
CA ARG B 56 -11.35 -0.48 20.40
C ARG B 56 -12.03 0.78 19.84
N GLU B 57 -12.12 0.83 18.52
CA GLU B 57 -12.71 1.95 17.79
C GLU B 57 -14.01 2.49 18.41
N GLY B 58 -13.94 3.73 18.88
CA GLY B 58 -15.12 4.41 19.41
C GLY B 58 -15.15 4.53 20.91
N THR B 59 -14.59 3.54 21.59
CA THR B 59 -14.68 3.45 23.05
C THR B 59 -13.39 3.81 23.76
N SER B 60 -13.39 3.64 25.08
CA SER B 60 -12.22 3.93 25.89
C SER B 60 -11.76 2.66 26.59
N GLU B 61 -12.36 1.55 26.21
CA GLU B 61 -12.09 0.26 26.82
C GLU B 61 -10.82 -0.37 26.27
N PRO B 62 -9.82 -0.58 27.14
CA PRO B 62 -8.58 -1.28 26.78
C PRO B 62 -8.81 -2.78 26.59
N VAL B 63 -8.66 -3.25 25.36
CA VAL B 63 -8.83 -4.66 25.06
C VAL B 63 -7.51 -5.41 25.19
N ALA B 64 -6.42 -4.64 25.18
CA ALA B 64 -5.08 -5.20 25.32
C ALA B 64 -4.07 -4.14 25.79
N LYS B 65 -3.20 -4.53 26.72
CA LYS B 65 -2.14 -3.64 27.20
C LYS B 65 -0.78 -4.09 26.69
N TYR B 66 0.04 -3.14 26.26
CA TYR B 66 1.32 -3.43 25.62
C TYR B 66 2.53 -2.79 26.30
N GLY B 67 2.30 -1.92 27.27
CA GLY B 67 3.37 -1.32 28.04
C GLY B 67 4.18 -0.28 27.27
N ARG B 68 5.48 -0.47 27.17
CA ARG B 68 6.37 0.46 26.45
C ARG B 68 6.48 0.07 24.98
N VAL B 69 5.90 0.89 24.11
CA VAL B 69 5.72 0.51 22.72
C VAL B 69 6.36 1.46 21.71
N LEU B 70 7.27 0.94 20.91
CA LEU B 70 7.82 1.70 19.79
C LEU B 70 6.87 1.58 18.59
N ILE B 71 6.25 2.71 18.21
CA ILE B 71 5.29 2.72 17.12
C ILE B 71 5.93 3.23 15.84
N ARG B 72 5.75 2.49 14.74
CA ARG B 72 6.26 2.92 13.44
C ARG B 72 5.35 3.99 12.87
N GLY B 73 5.96 5.05 12.36
CA GLY B 73 5.21 6.24 11.99
C GLY B 73 4.44 6.16 10.70
N SER B 74 4.93 5.40 9.73
CA SER B 74 4.30 5.34 8.41
C SER B 74 2.92 4.69 8.47
N ASN B 75 2.64 4.01 9.59
CA ASN B 75 1.39 3.28 9.74
C ASN B 75 0.40 4.01 10.64
N ILE B 76 0.65 5.30 10.89
CA ILE B 76 -0.21 6.11 11.74
C ILE B 76 -1.17 6.97 10.93
N LEU B 77 -2.46 6.90 11.26
CA LEU B 77 -3.43 7.80 10.64
C LEU B 77 -3.30 9.19 11.24
N PHE B 78 -3.67 9.31 12.52
CA PHE B 78 -3.49 10.57 13.22
C PHE B 78 -3.07 10.35 14.66
N ILE B 79 -2.66 11.42 15.31
CA ILE B 79 -2.30 11.42 16.72
C ILE B 79 -3.07 12.49 17.46
N SER B 80 -3.89 12.10 18.43
CA SER B 80 -4.58 13.07 19.27
C SER B 80 -3.61 13.65 20.28
N VAL B 81 -3.15 14.86 20.01
CA VAL B 81 -2.04 15.45 20.75
C VAL B 81 -2.42 15.85 22.18
N ASP B 82 -3.53 16.57 22.33
CA ASP B 82 -3.94 17.02 23.64
C ASP B 82 -5.13 16.20 24.12
N TYR B 83 -4.89 14.93 24.45
CA TYR B 83 -5.97 14.09 24.91
C TYR B 83 -6.26 14.33 26.40
N GLU B 84 -6.59 15.57 26.73
CA GLU B 84 -7.12 15.90 28.04
C GLU B 84 -8.54 15.38 28.10
N THR B 85 -9.33 15.87 27.15
CA THR B 85 -10.76 15.63 26.98
C THR B 85 -11.36 14.41 27.67
N VAL B 86 -11.12 14.29 28.98
CA VAL B 86 -11.79 13.31 29.81
C VAL B 86 -12.12 13.94 31.16
N GLU C 10 0.43 30.21 -8.10
CA GLU C 10 -0.75 29.35 -8.09
C GLU C 10 -0.38 27.89 -7.87
N ASN C 11 -0.10 27.57 -6.61
CA ASN C 11 0.25 26.21 -6.22
C ASN C 11 -0.91 25.59 -5.46
N PRO C 12 -1.17 24.30 -5.69
CA PRO C 12 -2.23 23.61 -4.94
C PRO C 12 -2.06 23.64 -3.43
N LEU C 13 -0.87 24.03 -2.95
CA LEU C 13 -0.58 23.96 -1.52
C LEU C 13 -0.82 25.26 -0.76
N LYS C 14 -0.70 26.40 -1.44
CA LYS C 14 -0.93 27.65 -0.75
C LYS C 14 -2.43 27.88 -0.62
N SER C 15 -3.19 27.16 -1.42
CA SER C 15 -4.65 27.13 -1.27
C SER C 15 -4.98 26.48 0.07
N LEU C 16 -4.16 25.50 0.44
CA LEU C 16 -4.25 24.82 1.72
C LEU C 16 -3.89 25.74 2.87
N ARG C 17 -2.75 26.41 2.72
CA ARG C 17 -2.23 27.26 3.78
C ARG C 17 -3.01 28.57 3.89
N THR C 18 -3.89 28.84 2.94
CA THR C 18 -4.77 30.00 3.04
C THR C 18 -5.97 29.63 3.91
N ALA C 19 -6.19 28.33 4.10
CA ALA C 19 -7.36 27.82 4.80
C ALA C 19 -7.14 27.70 6.31
N ILE C 20 -5.91 27.98 6.75
CA ILE C 20 -5.59 27.99 8.17
C ILE C 20 -6.58 28.89 8.92
N ASN C 21 -6.89 28.53 10.17
CA ASN C 21 -7.82 29.26 11.02
C ASN C 21 -9.27 29.10 10.59
N ARG C 22 -9.50 28.26 9.59
CA ARG C 22 -10.87 27.97 9.16
C ARG C 22 -11.22 26.52 9.42
N ILE C 23 -12.51 26.21 9.34
CA ILE C 23 -12.99 24.85 9.54
C ILE C 23 -12.85 24.03 8.26
N VAL C 24 -12.13 22.91 8.34
CA VAL C 24 -11.89 22.09 7.16
C VAL C 24 -12.48 20.70 7.28
N LEU C 25 -12.66 20.03 6.15
CA LEU C 25 -13.02 18.62 6.15
C LEU C 25 -11.86 17.82 5.61
N VAL C 26 -11.45 16.82 6.35
CA VAL C 26 -10.36 15.97 5.93
C VAL C 26 -10.88 14.57 5.73
N LYS C 27 -10.83 14.08 4.50
CA LYS C 27 -11.20 12.68 4.27
C LYS C 27 -9.96 11.82 4.08
N LEU C 28 -10.01 10.62 4.65
CA LEU C 28 -8.89 9.68 4.59
C LEU C 28 -9.27 8.44 3.80
N LYS C 29 -8.28 7.66 3.40
CA LYS C 29 -8.50 6.42 2.65
C LYS C 29 -9.53 5.51 3.30
N ASP C 30 -9.68 5.64 4.62
CA ASP C 30 -10.65 4.86 5.39
C ASP C 30 -12.08 5.23 5.03
N GLY C 31 -12.22 6.32 4.30
CA GLY C 31 -13.53 6.91 4.08
C GLY C 31 -13.92 7.69 5.32
N SER C 32 -13.00 7.74 6.28
CA SER C 32 -13.20 8.46 7.53
C SER C 32 -13.06 9.96 7.32
N GLU C 33 -14.11 10.71 7.67
CA GLU C 33 -14.11 12.15 7.50
C GLU C 33 -14.02 12.87 8.85
N TYR C 34 -13.22 13.93 8.89
CA TYR C 34 -13.00 14.68 10.12
C TYR C 34 -13.20 16.17 9.87
N ILE C 35 -13.64 16.89 10.88
CA ILE C 35 -13.85 18.33 10.75
C ILE C 35 -13.23 19.08 11.92
N GLY C 36 -12.46 20.11 11.61
CA GLY C 36 -11.84 20.91 12.66
C GLY C 36 -11.16 22.17 12.15
N LYS C 37 -10.82 23.06 13.07
CA LYS C 37 -10.19 24.33 12.72
C LYS C 37 -8.71 24.13 12.43
N LEU C 38 -8.30 24.39 11.19
CA LEU C 38 -6.92 24.14 10.80
C LEU C 38 -5.94 25.14 11.39
N GLU C 39 -4.91 24.63 12.06
CA GLU C 39 -3.89 25.46 12.69
C GLU C 39 -2.62 25.56 11.85
N GLN C 40 -1.93 24.44 11.71
CA GLN C 40 -0.63 24.41 11.05
C GLN C 40 -0.62 23.44 9.87
N THR C 41 0.27 23.68 8.92
CA THR C 41 0.28 22.93 7.68
C THR C 41 1.71 22.73 7.14
N ASP C 42 1.99 21.51 6.70
CA ASP C 42 3.29 21.18 6.13
C ASP C 42 3.17 20.94 4.62
N GLY C 43 4.30 21.03 3.92
CA GLY C 43 4.34 20.80 2.49
C GLY C 43 3.88 19.41 2.09
N THR C 44 4.13 18.43 2.94
CA THR C 44 3.63 17.08 2.69
C THR C 44 2.23 16.93 3.26
N MET C 45 1.55 18.06 3.40
CA MET C 45 0.16 18.12 3.84
C MET C 45 -0.08 17.45 5.19
N ASN C 46 0.91 17.51 6.07
CA ASN C 46 0.69 17.16 7.46
C ASN C 46 -0.18 18.22 8.09
N LEU C 47 -1.13 17.79 8.92
CA LEU C 47 -2.15 18.69 9.46
C LEU C 47 -2.23 18.68 10.98
N VAL C 48 -2.47 19.85 11.56
CA VAL C 48 -2.92 19.91 12.94
C VAL C 48 -4.30 20.55 12.95
N LEU C 49 -5.26 19.89 13.60
CA LEU C 49 -6.61 20.42 13.72
C LEU C 49 -6.99 20.68 15.17
N ARG C 50 -7.45 21.88 15.45
CA ARG C 50 -8.04 22.17 16.74
C ARG C 50 -9.47 21.68 16.70
N ASP C 51 -9.90 21.05 17.80
CA ASP C 51 -11.29 20.62 17.96
C ASP C 51 -11.77 19.70 16.84
N CYS C 52 -11.04 18.61 16.63
CA CYS C 52 -11.33 17.71 15.52
C CYS C 52 -12.32 16.61 15.93
N THR C 53 -13.56 16.75 15.48
CA THR C 53 -14.55 15.72 15.69
C THR C 53 -14.72 14.88 14.42
N GLU C 54 -14.55 13.57 14.56
CA GLU C 54 -14.89 12.65 13.49
C GLU C 54 -16.37 12.72 13.19
N ILE C 55 -16.71 12.76 11.91
CA ILE C 55 -18.09 12.72 11.50
C ILE C 55 -18.34 11.61 10.47
N ARG C 56 -19.41 10.89 10.70
CA ARG C 56 -20.00 9.97 9.74
C ARG C 56 -20.56 10.80 8.57
N GLU C 57 -20.97 10.15 7.49
CA GLU C 57 -21.41 10.88 6.29
C GLU C 57 -22.91 11.23 6.24
N GLY C 58 -23.27 12.43 6.68
CA GLY C 58 -24.68 12.86 6.69
C GLY C 58 -25.24 12.74 8.11
N THR C 59 -25.95 11.62 8.36
CA THR C 59 -25.94 10.94 9.66
C THR C 59 -26.45 11.51 10.95
N SER C 60 -25.65 12.44 11.51
CA SER C 60 -25.72 12.82 12.90
C SER C 60 -24.65 13.86 13.04
N GLU C 61 -23.52 13.48 12.44
CA GLU C 61 -22.25 14.18 12.37
C GLU C 61 -21.34 13.72 13.53
N PRO C 62 -21.49 14.28 14.76
CA PRO C 62 -20.36 13.95 15.65
C PRO C 62 -20.31 12.48 16.07
N VAL C 63 -19.10 11.91 15.98
CA VAL C 63 -18.90 10.50 16.29
C VAL C 63 -17.87 10.34 17.41
N ALA C 64 -16.76 11.07 17.30
CA ALA C 64 -15.72 11.06 18.31
C ALA C 64 -15.00 12.40 18.36
N LYS C 65 -14.74 12.90 19.56
CA LYS C 65 -14.09 14.19 19.75
C LYS C 65 -12.64 13.95 20.20
N TYR C 66 -11.69 14.31 19.33
CA TYR C 66 -10.29 13.98 19.55
C TYR C 66 -9.43 15.15 20.06
N GLY C 67 -9.97 16.36 20.05
CA GLY C 67 -9.22 17.52 20.49
C GLY C 67 -8.24 17.96 19.43
N ARG C 68 -6.99 18.22 19.82
CA ARG C 68 -5.96 18.59 18.85
C ARG C 68 -5.30 17.35 18.28
N VAL C 69 -5.42 17.16 16.97
CA VAL C 69 -4.80 16.01 16.30
C VAL C 69 -3.73 16.40 15.30
N LEU C 70 -2.72 15.55 15.21
CA LEU C 70 -1.72 15.63 14.16
C LEU C 70 -2.03 14.58 13.11
N ILE C 71 -2.28 15.02 11.88
CA ILE C 71 -2.68 14.12 10.81
C ILE C 71 -1.60 13.92 9.75
N ARG C 72 -1.16 12.68 9.57
CA ARG C 72 -0.24 12.33 8.49
C ARG C 72 -0.83 12.69 7.14
N GLY C 73 -0.05 13.40 6.33
CA GLY C 73 -0.50 13.79 5.01
C GLY C 73 -0.62 12.62 4.04
N SER C 74 0.19 11.59 4.27
CA SER C 74 0.26 10.43 3.40
C SER C 74 -1.07 9.70 3.28
N ASN C 75 -1.91 9.82 4.31
CA ASN C 75 -3.14 9.04 4.39
C ASN C 75 -4.40 9.83 4.11
N ILE C 76 -4.25 11.01 3.51
CA ILE C 76 -5.38 11.88 3.23
C ILE C 76 -5.89 11.75 1.78
N LEU C 77 -7.20 11.62 1.60
CA LEU C 77 -7.79 11.63 0.27
C LEU C 77 -7.90 13.06 -0.25
N PHE C 78 -8.65 13.88 0.48
CA PHE C 78 -8.77 15.28 0.13
C PHE C 78 -9.08 16.15 1.32
N ILE C 79 -8.98 17.46 1.14
CA ILE C 79 -9.29 18.44 2.17
C ILE C 79 -10.20 19.52 1.60
N SER C 80 -11.42 19.62 2.12
CA SER C 80 -12.29 20.73 1.76
C SER C 80 -11.86 21.98 2.50
N VAL C 81 -11.13 22.86 1.81
CA VAL C 81 -10.48 24.00 2.48
C VAL C 81 -11.48 25.01 3.07
N ASP C 82 -12.68 25.05 2.53
CA ASP C 82 -13.67 26.00 3.01
C ASP C 82 -14.91 25.32 3.56
N TYR C 83 -14.71 24.30 4.39
CA TYR C 83 -15.84 23.50 4.83
C TYR C 83 -16.71 24.20 5.86
N GLU C 84 -17.11 25.42 5.52
CA GLU C 84 -18.28 26.01 6.13
C GLU C 84 -19.31 26.00 5.00
N THR C 85 -19.38 24.84 4.36
CA THR C 85 -20.33 24.55 3.31
C THR C 85 -21.60 24.02 3.98
N VAL C 86 -22.43 24.96 4.45
CA VAL C 86 -23.73 24.63 5.00
C VAL C 86 -24.74 25.72 4.66
N LYS D 8 3.44 22.42 -30.77
CA LYS D 8 3.89 22.37 -29.39
C LYS D 8 3.79 20.96 -28.82
N VAL D 9 4.28 20.79 -27.60
CA VAL D 9 4.42 19.48 -26.98
C VAL D 9 3.10 18.88 -26.54
N GLU D 10 3.11 17.58 -26.32
CA GLU D 10 1.95 16.89 -25.80
C GLU D 10 2.40 15.73 -24.92
N ASN D 11 2.09 15.85 -23.64
CA ASN D 11 2.35 14.81 -22.68
C ASN D 11 1.15 14.69 -21.76
N PRO D 12 0.93 13.49 -21.19
CA PRO D 12 -0.17 13.26 -20.26
C PRO D 12 -0.33 14.35 -19.21
N LEU D 13 0.77 14.77 -18.59
CA LEU D 13 0.71 15.75 -17.51
C LEU D 13 0.38 17.15 -18.02
N LYS D 14 0.77 17.45 -19.25
CA LYS D 14 0.40 18.73 -19.85
C LYS D 14 -1.09 18.77 -20.08
N SER D 15 -1.65 17.64 -20.50
CA SER D 15 -3.08 17.54 -20.76
C SER D 15 -3.90 17.69 -19.49
N LEU D 16 -3.25 17.50 -18.35
CA LEU D 16 -3.88 17.76 -17.07
C LEU D 16 -3.89 19.26 -16.81
N ARG D 17 -2.80 19.91 -17.21
CA ARG D 17 -2.64 21.35 -17.01
C ARG D 17 -3.55 22.16 -17.94
N THR D 18 -4.00 21.54 -19.03
CA THR D 18 -4.87 22.22 -19.99
C THR D 18 -6.34 22.16 -19.60
N ALA D 19 -6.66 21.32 -18.63
CA ALA D 19 -8.04 21.13 -18.19
C ALA D 19 -8.43 22.12 -17.11
N ILE D 20 -7.59 23.13 -16.86
CA ILE D 20 -7.90 24.16 -15.89
C ILE D 20 -9.13 24.94 -16.30
N ASN D 21 -9.98 25.27 -15.33
CA ASN D 21 -11.21 26.02 -15.54
C ASN D 21 -12.24 25.26 -16.38
N ARG D 22 -12.14 23.93 -16.38
CA ARG D 22 -13.20 23.14 -16.96
C ARG D 22 -13.57 21.99 -16.03
N ILE D 23 -14.68 21.33 -16.35
CA ILE D 23 -15.27 20.35 -15.45
C ILE D 23 -14.68 18.97 -15.67
N VAL D 24 -14.12 18.43 -14.59
CA VAL D 24 -13.45 17.14 -14.63
C VAL D 24 -14.04 16.17 -13.62
N LEU D 25 -13.90 14.87 -13.88
CA LEU D 25 -14.22 13.87 -12.87
C LEU D 25 -12.92 13.25 -12.36
N VAL D 26 -12.78 13.21 -11.04
CA VAL D 26 -11.65 12.58 -10.40
C VAL D 26 -12.09 11.32 -9.70
N LYS D 27 -11.44 10.19 -9.97
CA LYS D 27 -11.74 8.98 -9.24
C LYS D 27 -10.59 8.60 -8.35
N LEU D 28 -10.85 8.56 -7.05
CA LEU D 28 -9.83 8.22 -6.07
C LEU D 28 -9.75 6.70 -5.97
N LYS D 29 -8.86 6.20 -5.14
CA LYS D 29 -8.58 4.77 -5.11
C LYS D 29 -9.57 3.96 -4.27
N ASP D 30 -10.39 4.64 -3.46
CA ASP D 30 -11.41 3.94 -2.69
C ASP D 30 -12.61 3.57 -3.55
N GLY D 31 -12.67 4.15 -4.75
CA GLY D 31 -13.74 3.87 -5.68
C GLY D 31 -14.67 5.06 -5.81
N SER D 32 -14.40 6.09 -5.02
CA SER D 32 -15.27 7.27 -4.99
C SER D 32 -14.94 8.24 -6.12
N GLU D 33 -15.97 8.95 -6.59
CA GLU D 33 -15.85 9.81 -7.75
C GLU D 33 -16.38 11.21 -7.46
N TYR D 34 -15.58 12.22 -7.76
CA TYR D 34 -15.93 13.59 -7.45
C TYR D 34 -15.81 14.49 -8.67
N ILE D 35 -16.88 15.21 -8.96
CA ILE D 35 -16.89 16.16 -10.06
C ILE D 35 -16.65 17.57 -9.54
N GLY D 36 -15.83 18.33 -10.24
CA GLY D 36 -15.59 19.71 -9.86
C GLY D 36 -14.96 20.51 -10.98
N LYS D 37 -14.98 21.83 -10.84
CA LYS D 37 -14.35 22.71 -11.81
C LYS D 37 -12.87 22.82 -11.48
N LEU D 38 -12.02 22.21 -12.31
CA LEU D 38 -10.59 22.18 -12.04
C LEU D 38 -10.00 23.58 -12.03
N GLU D 39 -9.22 23.88 -10.99
CA GLU D 39 -8.64 25.21 -10.84
C GLU D 39 -7.11 25.17 -10.70
N GLN D 40 -6.59 24.13 -10.05
CA GLN D 40 -5.15 24.00 -9.86
C GLN D 40 -4.70 22.57 -10.08
N THR D 41 -3.45 22.41 -10.54
CA THR D 41 -2.81 21.11 -10.68
C THR D 41 -1.36 21.23 -10.24
N ASP D 42 -0.65 20.11 -10.15
CA ASP D 42 0.80 20.14 -10.08
C ASP D 42 1.38 18.87 -10.65
N GLY D 43 2.71 18.78 -10.68
CA GLY D 43 3.41 17.60 -11.16
C GLY D 43 2.92 16.35 -10.46
N THR D 44 2.78 16.41 -9.14
CA THR D 44 2.36 15.25 -8.34
C THR D 44 0.89 14.90 -8.54
N MET D 45 0.19 15.73 -9.31
CA MET D 45 -1.25 15.66 -9.59
C MET D 45 -2.11 16.11 -8.42
N ASN D 46 -1.62 17.06 -7.63
CA ASN D 46 -2.45 17.63 -6.57
C ASN D 46 -3.44 18.62 -7.16
N LEU D 47 -4.73 18.35 -6.99
CA LEU D 47 -5.76 19.15 -7.62
C LEU D 47 -6.44 20.08 -6.63
N VAL D 48 -6.93 21.20 -7.14
CA VAL D 48 -7.84 22.07 -6.40
C VAL D 48 -9.07 22.25 -7.24
N LEU D 49 -10.23 21.91 -6.70
CA LEU D 49 -11.46 21.94 -7.47
C LEU D 49 -12.46 22.94 -6.89
N ARG D 50 -13.43 23.36 -7.70
CA ARG D 50 -14.48 24.25 -7.24
C ARG D 50 -15.85 23.58 -7.39
N ASP D 51 -16.73 23.82 -6.42
CA ASP D 51 -18.03 23.17 -6.35
C ASP D 51 -17.88 21.67 -6.47
N CYS D 52 -17.03 21.09 -5.64
CA CYS D 52 -16.81 19.66 -5.67
C CYS D 52 -18.01 18.90 -5.11
N THR D 53 -18.46 17.93 -5.89
CA THR D 53 -19.60 17.14 -5.52
C THR D 53 -19.28 15.66 -5.66
N GLU D 54 -19.48 14.87 -4.62
CA GLU D 54 -19.36 13.43 -4.77
C GLU D 54 -20.54 12.94 -5.59
N ILE D 55 -20.31 11.91 -6.40
CA ILE D 55 -21.38 11.30 -7.16
C ILE D 55 -21.29 9.78 -7.13
N ARG D 56 -22.39 9.13 -7.50
CA ARG D 56 -22.37 7.70 -7.73
C ARG D 56 -22.63 7.43 -9.18
N GLU D 57 -21.88 6.48 -9.77
CA GLU D 57 -22.13 6.10 -11.14
C GLU D 57 -23.48 5.42 -11.21
N GLY D 58 -24.19 5.61 -12.32
CA GLY D 58 -25.63 5.45 -12.32
C GLY D 58 -26.10 6.74 -11.67
N THR D 59 -27.38 6.84 -11.34
CA THR D 59 -27.86 7.98 -10.56
C THR D 59 -27.73 9.32 -11.29
N SER D 60 -28.63 10.26 -11.04
CA SER D 60 -28.42 11.63 -11.49
C SER D 60 -27.40 12.31 -10.59
N GLU D 61 -26.14 12.26 -11.03
CA GLU D 61 -24.95 12.75 -10.32
C GLU D 61 -25.05 12.94 -8.77
N PRO D 62 -25.21 14.19 -8.27
CA PRO D 62 -24.59 14.42 -6.96
C PRO D 62 -25.28 13.78 -5.75
N VAL D 63 -24.49 13.51 -4.71
CA VAL D 63 -24.95 12.92 -3.47
C VAL D 63 -24.31 13.59 -2.26
N ALA D 64 -23.40 14.53 -2.53
CA ALA D 64 -22.73 15.30 -1.48
C ALA D 64 -21.97 16.46 -2.10
N LYS D 65 -21.88 17.58 -1.38
CA LYS D 65 -21.17 18.74 -1.88
C LYS D 65 -20.07 19.13 -0.89
N TYR D 66 -18.88 19.44 -1.41
CA TYR D 66 -17.73 19.68 -0.56
C TYR D 66 -17.08 21.04 -0.80
N GLY D 67 -17.65 21.82 -1.70
CA GLY D 67 -17.13 23.16 -1.97
C GLY D 67 -15.80 23.15 -2.68
N ARG D 68 -14.85 23.94 -2.17
CA ARG D 68 -13.51 23.99 -2.75
C ARG D 68 -12.62 22.94 -2.10
N VAL D 69 -12.04 22.07 -2.93
CA VAL D 69 -11.36 20.88 -2.41
C VAL D 69 -9.94 20.71 -2.95
N LEU D 70 -9.01 20.49 -2.04
CA LEU D 70 -7.65 20.12 -2.40
C LEU D 70 -7.51 18.59 -2.38
N ILE D 71 -7.27 18.03 -3.56
CA ILE D 71 -7.15 16.58 -3.69
C ILE D 71 -5.69 16.16 -3.72
N ARG D 72 -5.41 15.04 -3.07
CA ARG D 72 -4.04 14.53 -3.02
C ARG D 72 -3.78 13.63 -4.22
N GLY D 73 -2.84 14.06 -5.07
CA GLY D 73 -2.53 13.32 -6.29
C GLY D 73 -2.19 11.86 -6.08
N SER D 74 -1.59 11.56 -4.92
CA SER D 74 -1.18 10.22 -4.57
C SER D 74 -2.33 9.21 -4.57
N ASN D 75 -3.54 9.69 -4.28
CA ASN D 75 -4.68 8.80 -4.10
C ASN D 75 -5.61 8.74 -5.31
N ILE D 76 -5.28 9.48 -6.36
CA ILE D 76 -6.14 9.51 -7.54
C ILE D 76 -5.88 8.30 -8.41
N LEU D 77 -6.94 7.75 -9.00
CA LEU D 77 -6.84 6.66 -9.97
C LEU D 77 -6.79 7.23 -11.37
N PHE D 78 -7.76 8.07 -11.70
CA PHE D 78 -7.74 8.74 -12.99
C PHE D 78 -8.50 10.06 -12.90
N ILE D 79 -8.37 10.86 -13.95
CA ILE D 79 -9.08 12.14 -14.05
C ILE D 79 -9.75 12.26 -15.41
N SER D 80 -11.08 12.36 -15.41
CA SER D 80 -11.78 12.60 -16.67
C SER D 80 -11.55 14.04 -17.09
N VAL D 81 -10.64 14.22 -18.04
CA VAL D 81 -10.11 15.52 -18.43
C VAL D 81 -11.19 16.51 -18.90
N ASP D 82 -12.16 16.02 -19.68
CA ASP D 82 -13.28 16.87 -20.07
C ASP D 82 -14.58 16.09 -19.96
N TYR D 83 -15.25 16.23 -18.83
CA TYR D 83 -16.42 15.43 -18.53
C TYR D 83 -17.66 15.96 -19.25
N GLU D 84 -18.20 15.16 -20.15
CA GLU D 84 -19.39 15.54 -20.90
C GLU D 84 -20.53 14.58 -20.65
N THR D 85 -21.64 15.14 -20.20
CA THR D 85 -22.86 14.38 -20.00
C THR D 85 -23.67 14.44 -21.28
N VAL D 86 -23.87 13.29 -21.91
CA VAL D 86 -24.69 13.22 -23.11
C VAL D 86 -25.73 12.11 -22.94
N GLU E 10 15.47 -2.94 -26.28
CA GLU E 10 15.06 -3.77 -25.15
C GLU E 10 14.61 -2.89 -23.97
N ASN E 11 13.30 -2.78 -23.80
CA ASN E 11 12.71 -2.05 -22.69
C ASN E 11 11.20 -2.29 -22.69
N PRO E 12 10.65 -2.66 -21.52
CA PRO E 12 9.20 -2.90 -21.37
C PRO E 12 8.32 -1.69 -21.71
N LEU E 13 8.80 -0.49 -21.44
CA LEU E 13 8.00 0.71 -21.63
C LEU E 13 7.93 1.13 -23.09
N LYS E 14 8.93 0.75 -23.87
CA LYS E 14 8.98 1.16 -25.26
C LYS E 14 8.09 0.28 -26.11
N SER E 15 7.44 -0.68 -25.45
CA SER E 15 6.40 -1.50 -26.06
C SER E 15 5.04 -0.83 -25.86
N LEU E 16 4.97 0.03 -24.86
CA LEU E 16 3.75 0.77 -24.54
C LEU E 16 3.47 1.82 -25.59
N ARG E 17 4.52 2.50 -26.04
CA ARG E 17 4.38 3.61 -26.98
C ARG E 17 4.14 3.13 -28.41
N THR E 18 4.22 1.83 -28.61
CA THR E 18 3.89 1.23 -29.91
C THR E 18 2.39 0.97 -29.97
N ALA E 19 1.67 1.35 -28.91
CA ALA E 19 0.25 1.07 -28.80
C ALA E 19 -0.59 2.35 -28.89
N ILE E 20 0.08 3.47 -29.10
CA ILE E 20 -0.60 4.75 -29.20
C ILE E 20 -1.52 4.72 -30.42
N ASN E 21 -2.70 5.31 -30.28
CA ASN E 21 -3.78 5.28 -31.28
C ASN E 21 -4.47 3.92 -31.38
N ARG E 22 -3.97 2.94 -30.62
CA ARG E 22 -4.59 1.62 -30.58
C ARG E 22 -5.45 1.46 -29.34
N ILE E 23 -6.27 0.42 -29.33
CA ILE E 23 -7.13 0.12 -28.18
C ILE E 23 -6.43 -0.83 -27.20
N VAL E 24 -6.29 -0.38 -25.96
CA VAL E 24 -5.66 -1.17 -24.93
C VAL E 24 -6.61 -1.38 -23.77
N LEU E 25 -6.33 -2.38 -22.93
CA LEU E 25 -7.12 -2.61 -21.73
C LEU E 25 -6.27 -2.34 -20.50
N VAL E 26 -6.81 -1.55 -19.58
CA VAL E 26 -6.08 -1.18 -18.37
C VAL E 26 -6.77 -1.71 -17.12
N LYS E 27 -6.08 -2.57 -16.37
CA LYS E 27 -6.60 -3.06 -15.11
C LYS E 27 -5.95 -2.35 -13.93
N LEU E 28 -6.73 -1.52 -13.24
CA LEU E 28 -6.23 -0.78 -12.10
C LEU E 28 -6.15 -1.71 -10.90
N LYS E 29 -5.56 -1.24 -9.80
CA LYS E 29 -5.46 -2.06 -8.58
C LYS E 29 -6.82 -2.35 -7.97
N ASP E 30 -7.83 -1.60 -8.38
CA ASP E 30 -9.20 -1.89 -8.00
C ASP E 30 -9.62 -3.26 -8.51
N GLY E 31 -8.93 -3.72 -9.54
CA GLY E 31 -9.33 -4.90 -10.26
C GLY E 31 -10.18 -4.46 -11.43
N SER E 32 -10.68 -3.22 -11.34
CA SER E 32 -11.48 -2.62 -12.39
C SER E 32 -10.67 -2.46 -13.67
N GLU E 33 -11.28 -2.78 -14.80
CA GLU E 33 -10.58 -2.77 -16.08
C GLU E 33 -11.26 -1.79 -17.01
N TYR E 34 -10.47 -1.13 -17.85
CA TYR E 34 -10.98 -0.09 -18.73
C TYR E 34 -10.38 -0.23 -20.12
N ILE E 35 -11.23 -0.08 -21.13
CA ILE E 35 -10.75 -0.08 -22.51
C ILE E 35 -10.73 1.34 -23.06
N GLY E 36 -9.93 1.57 -24.10
CA GLY E 36 -9.82 2.91 -24.66
C GLY E 36 -8.66 3.05 -25.61
N LYS E 37 -8.78 4.01 -26.54
CA LYS E 37 -7.72 4.28 -27.48
C LYS E 37 -6.62 5.03 -26.76
N LEU E 38 -5.46 4.40 -26.61
CA LEU E 38 -4.33 5.05 -25.98
C LEU E 38 -3.89 6.25 -26.81
N GLU E 39 -3.74 7.39 -26.16
CA GLU E 39 -3.31 8.59 -26.87
C GLU E 39 -1.92 9.03 -26.45
N GLN E 40 -1.69 9.10 -25.14
CA GLN E 40 -0.44 9.63 -24.62
C GLN E 40 0.11 8.79 -23.50
N THR E 41 1.42 8.67 -23.44
CA THR E 41 2.11 7.98 -22.35
C THR E 41 3.38 8.72 -21.96
N ASP E 42 3.94 8.36 -20.82
CA ASP E 42 5.26 8.82 -20.44
C ASP E 42 5.97 7.78 -19.57
N GLY E 43 7.15 8.12 -19.09
CA GLY E 43 8.00 7.19 -18.37
C GLY E 43 7.44 6.70 -17.04
N THR E 44 6.43 7.39 -16.51
CA THR E 44 5.82 6.99 -15.25
C THR E 44 4.65 6.04 -15.49
N MET E 45 4.45 5.70 -16.77
CA MET E 45 3.34 4.87 -17.23
C MET E 45 1.98 5.57 -17.02
N ASN E 46 2.00 6.90 -16.92
CA ASN E 46 0.77 7.67 -16.99
C ASN E 46 0.19 7.51 -18.39
N LEU E 47 -1.12 7.31 -18.49
CA LEU E 47 -1.78 7.13 -19.78
C LEU E 47 -2.91 8.12 -19.97
N VAL E 48 -3.12 8.51 -21.22
CA VAL E 48 -4.29 9.28 -21.61
C VAL E 48 -5.11 8.51 -22.63
N LEU E 49 -6.31 8.11 -22.26
CA LEU E 49 -7.17 7.35 -23.15
C LEU E 49 -8.32 8.21 -23.67
N ARG E 50 -8.74 7.91 -24.89
CA ARG E 50 -9.92 8.50 -25.51
C ARG E 50 -11.03 7.46 -25.51
N ASP E 51 -12.25 7.89 -25.16
CA ASP E 51 -13.38 6.98 -25.02
C ASP E 51 -13.07 5.88 -24.02
N CYS E 52 -12.59 6.31 -22.87
CA CYS E 52 -12.35 5.40 -21.77
C CYS E 52 -13.69 4.90 -21.27
N THR E 53 -13.88 3.59 -21.30
CA THR E 53 -15.09 2.99 -20.76
C THR E 53 -14.73 1.83 -19.84
N GLU E 54 -15.49 1.68 -18.77
CA GLU E 54 -15.24 0.61 -17.81
C GLU E 54 -15.98 -0.65 -18.22
N ILE E 55 -15.33 -1.81 -18.11
CA ILE E 55 -15.94 -3.07 -18.53
C ILE E 55 -15.96 -4.13 -17.42
N ARG E 56 -16.87 -5.10 -17.57
CA ARG E 56 -16.83 -6.33 -16.80
C ARG E 56 -16.44 -7.46 -17.74
N GLU E 57 -15.35 -8.15 -17.44
CA GLU E 57 -14.88 -9.21 -18.31
C GLU E 57 -15.94 -10.30 -18.43
N GLY E 58 -16.17 -10.76 -19.65
CA GLY E 58 -17.19 -11.77 -19.90
C GLY E 58 -18.51 -11.19 -20.36
N THR E 59 -18.75 -9.92 -20.03
CA THR E 59 -20.00 -9.28 -20.42
C THR E 59 -19.73 -8.21 -21.46
N SER E 60 -20.79 -7.82 -22.16
CA SER E 60 -20.67 -6.89 -23.27
C SER E 60 -20.94 -5.45 -22.84
N GLU E 61 -21.94 -5.27 -21.98
CA GLU E 61 -22.35 -3.93 -21.57
C GLU E 61 -21.27 -3.24 -20.77
N PRO E 62 -21.06 -1.93 -21.04
CA PRO E 62 -20.14 -1.06 -20.31
C PRO E 62 -20.65 -0.72 -18.91
N VAL E 63 -19.73 -0.59 -17.97
CA VAL E 63 -20.09 -0.23 -16.60
C VAL E 63 -20.18 1.28 -16.42
N ALA E 64 -19.36 2.01 -17.15
CA ALA E 64 -19.42 3.47 -17.16
C ALA E 64 -18.64 4.06 -18.34
N LYS E 65 -19.07 5.23 -18.80
CA LYS E 65 -18.34 6.00 -19.81
C LYS E 65 -17.67 7.21 -19.19
N TYR E 66 -16.37 7.37 -19.44
CA TYR E 66 -15.63 8.49 -18.85
C TYR E 66 -15.00 9.38 -19.90
N GLY E 67 -15.16 9.02 -21.17
CA GLY E 67 -14.61 9.78 -22.27
C GLY E 67 -13.09 9.82 -22.28
N ARG E 68 -12.51 11.00 -22.43
CA ARG E 68 -11.06 11.17 -22.48
C ARG E 68 -10.48 11.24 -21.07
N VAL E 69 -9.61 10.30 -20.75
CA VAL E 69 -9.21 10.11 -19.37
C VAL E 69 -7.70 10.08 -19.18
N LEU E 70 -7.23 10.82 -18.18
CA LEU E 70 -5.85 10.73 -17.75
C LEU E 70 -5.73 9.68 -16.64
N ILE E 71 -4.97 8.63 -16.91
CA ILE E 71 -4.80 7.54 -15.95
C ILE E 71 -3.46 7.66 -15.23
N ARG E 72 -3.50 7.78 -13.91
CA ARG E 72 -2.28 7.88 -13.11
C ARG E 72 -1.54 6.54 -13.10
N GLY E 73 -0.24 6.57 -13.42
CA GLY E 73 0.52 5.37 -13.69
C GLY E 73 0.83 4.43 -12.55
N SER E 74 0.83 4.95 -11.32
CA SER E 74 1.25 4.16 -10.17
C SER E 74 0.17 3.20 -9.67
N ASN E 75 -1.03 3.30 -10.25
CA ASN E 75 -2.16 2.50 -9.80
C ASN E 75 -2.62 1.47 -10.83
N ILE E 76 -1.79 1.27 -11.85
CA ILE E 76 -2.07 0.34 -12.93
C ILE E 76 -1.43 -1.02 -12.64
N LEU E 77 -2.19 -2.10 -12.84
CA LEU E 77 -1.64 -3.45 -12.69
C LEU E 77 -0.92 -3.90 -13.96
N PHE E 78 -1.66 -4.00 -15.06
CA PHE E 78 -1.08 -4.37 -16.34
C PHE E 78 -1.83 -3.75 -17.51
N ILE E 79 -1.10 -3.39 -18.55
CA ILE E 79 -1.71 -2.83 -19.74
C ILE E 79 -1.66 -3.82 -20.91
N SER E 80 -2.81 -4.32 -21.32
CA SER E 80 -2.88 -5.14 -22.52
C SER E 80 -2.58 -4.26 -23.72
N VAL E 81 -1.30 -4.16 -24.05
CA VAL E 81 -0.83 -3.14 -24.98
C VAL E 81 -1.25 -3.36 -26.42
N ASP E 82 -2.13 -4.33 -26.64
CA ASP E 82 -3.01 -4.30 -27.80
C ASP E 82 -4.09 -5.35 -27.67
N TYR E 83 -5.29 -4.88 -27.37
CA TYR E 83 -6.41 -5.75 -27.18
C TYR E 83 -7.03 -6.14 -28.51
N GLU E 84 -6.37 -7.06 -29.21
CA GLU E 84 -6.92 -7.67 -30.41
C GLU E 84 -7.96 -8.71 -30.03
N THR E 85 -9.21 -8.27 -29.94
CA THR E 85 -10.30 -9.13 -29.53
C THR E 85 -10.98 -9.71 -30.76
N VAL E 86 -10.45 -9.37 -31.94
CA VAL E 86 -10.99 -9.86 -33.20
C VAL E 86 -10.21 -11.05 -33.75
N VAL F 9 24.73 -17.46 -7.37
CA VAL F 9 25.98 -17.12 -8.05
C VAL F 9 25.96 -15.67 -8.55
N GLU F 10 24.78 -15.18 -8.96
CA GLU F 10 24.69 -13.80 -9.43
C GLU F 10 23.53 -13.05 -8.75
N ASN F 11 22.81 -12.26 -9.53
CA ASN F 11 21.97 -11.18 -9.03
C ASN F 11 20.53 -11.35 -9.52
N PRO F 12 19.56 -11.39 -8.57
CA PRO F 12 18.13 -11.67 -8.79
C PRO F 12 17.51 -11.09 -10.04
N LEU F 13 17.52 -9.77 -10.21
CA LEU F 13 16.92 -9.12 -11.37
C LEU F 13 17.47 -9.64 -12.71
N LYS F 14 18.72 -10.10 -12.68
CA LYS F 14 19.38 -10.59 -13.89
C LYS F 14 18.93 -12.01 -14.25
N SER F 15 18.57 -12.78 -13.23
CA SER F 15 18.05 -14.14 -13.45
C SER F 15 16.68 -14.06 -14.11
N LEU F 16 16.05 -12.90 -14.01
CA LEU F 16 14.77 -12.66 -14.65
C LEU F 16 14.97 -12.49 -16.15
N ARG F 17 16.13 -12.00 -16.55
CA ARG F 17 16.44 -11.77 -17.95
C ARG F 17 16.95 -13.04 -18.64
N THR F 18 17.26 -14.07 -17.87
CA THR F 18 17.63 -15.35 -18.45
C THR F 18 16.38 -16.18 -18.69
N ALA F 19 15.23 -15.56 -18.49
CA ALA F 19 13.95 -16.26 -18.59
C ALA F 19 13.17 -15.78 -19.80
N ILE F 20 13.76 -14.88 -20.57
CA ILE F 20 13.14 -14.40 -21.80
C ILE F 20 12.77 -15.58 -22.68
N ASN F 21 11.60 -15.48 -23.32
CA ASN F 21 11.07 -16.50 -24.23
C ASN F 21 10.62 -17.79 -23.52
N ARG F 22 10.67 -17.80 -22.19
CA ARG F 22 10.14 -18.93 -21.42
C ARG F 22 8.69 -18.67 -20.97
N ILE F 23 8.00 -19.74 -20.59
CA ILE F 23 6.71 -19.60 -19.92
C ILE F 23 6.93 -19.41 -18.42
N VAL F 24 6.46 -18.27 -17.92
CA VAL F 24 6.66 -17.91 -16.54
C VAL F 24 5.31 -17.61 -15.90
N LEU F 25 5.24 -17.72 -14.58
CA LEU F 25 4.03 -17.36 -13.86
C LEU F 25 4.26 -16.09 -13.08
N VAL F 26 3.28 -15.20 -13.13
CA VAL F 26 3.33 -13.92 -12.42
C VAL F 26 2.13 -13.79 -11.50
N LYS F 27 2.38 -13.60 -10.21
CA LYS F 27 1.31 -13.37 -9.26
C LYS F 27 1.33 -11.90 -8.84
N LEU F 28 0.17 -11.24 -8.92
CA LEU F 28 0.05 -9.85 -8.54
C LEU F 28 -0.39 -9.74 -7.07
N LYS F 29 -0.32 -8.54 -6.50
CA LYS F 29 -0.63 -8.39 -5.07
C LYS F 29 -2.08 -8.77 -4.74
N ASP F 30 -2.99 -8.58 -5.69
CA ASP F 30 -4.39 -8.91 -5.48
C ASP F 30 -4.58 -10.41 -5.30
N GLY F 31 -3.67 -11.18 -5.89
CA GLY F 31 -3.70 -12.63 -5.77
C GLY F 31 -3.93 -13.35 -7.08
N SER F 32 -4.22 -12.59 -8.14
CA SER F 32 -4.51 -13.19 -9.44
C SER F 32 -3.23 -13.64 -10.16
N GLU F 33 -3.24 -14.86 -10.66
CA GLU F 33 -2.06 -15.42 -11.33
C GLU F 33 -2.21 -15.36 -12.84
N TYR F 34 -1.12 -15.04 -13.53
CA TYR F 34 -1.12 -14.90 -14.98
C TYR F 34 0.01 -15.70 -15.61
N ILE F 35 -0.28 -16.40 -16.71
CA ILE F 35 0.73 -17.17 -17.42
C ILE F 35 0.93 -16.62 -18.81
N GLY F 36 2.20 -16.45 -19.21
CA GLY F 36 2.53 -16.01 -20.54
C GLY F 36 3.99 -16.27 -20.84
N LYS F 37 4.44 -15.90 -22.03
CA LYS F 37 5.84 -16.12 -22.38
C LYS F 37 6.60 -14.81 -22.33
N LEU F 38 7.58 -14.74 -21.43
CA LEU F 38 8.27 -13.48 -21.13
C LEU F 38 9.07 -12.89 -22.30
N GLU F 39 8.87 -11.61 -22.54
CA GLU F 39 9.52 -10.89 -23.65
C GLU F 39 10.63 -9.96 -23.17
N GLN F 40 10.24 -8.96 -22.40
CA GLN F 40 11.14 -7.89 -22.02
C GLN F 40 11.03 -7.58 -20.53
N THR F 41 12.16 -7.22 -19.92
CA THR F 41 12.21 -6.92 -18.48
C THR F 41 13.09 -5.71 -18.19
N ASP F 42 12.96 -5.16 -16.98
CA ASP F 42 13.87 -4.12 -16.51
C ASP F 42 14.12 -4.24 -15.01
N GLY F 43 14.93 -3.35 -14.47
CA GLY F 43 15.34 -3.42 -13.08
C GLY F 43 14.19 -3.44 -12.09
N THR F 44 13.17 -2.63 -12.36
CA THR F 44 12.03 -2.52 -11.47
C THR F 44 11.03 -3.64 -11.71
N MET F 45 11.48 -4.71 -12.36
CA MET F 45 10.68 -5.90 -12.62
C MET F 45 9.44 -5.63 -13.47
N ASN F 46 9.50 -4.63 -14.35
CA ASN F 46 8.41 -4.44 -15.30
C ASN F 46 8.54 -5.46 -16.42
N LEU F 47 7.41 -6.08 -16.79
CA LEU F 47 7.43 -7.22 -17.70
C LEU F 47 6.59 -7.02 -18.95
N VAL F 48 7.00 -7.67 -20.03
CA VAL F 48 6.15 -7.80 -21.20
C VAL F 48 5.93 -9.29 -21.44
N LEU F 49 4.68 -9.67 -21.67
CA LEU F 49 4.31 -11.07 -21.85
C LEU F 49 3.51 -11.28 -23.13
N ARG F 50 3.69 -12.43 -23.77
CA ARG F 50 2.77 -12.85 -24.83
C ARG F 50 1.97 -14.02 -24.31
N ASP F 51 0.81 -14.27 -24.90
CA ASP F 51 -0.06 -15.38 -24.50
C ASP F 51 -0.49 -15.19 -23.05
N CYS F 52 -0.66 -13.95 -22.63
CA CYS F 52 -0.92 -13.70 -21.22
C CYS F 52 -2.29 -14.21 -20.83
N THR F 53 -2.30 -15.22 -19.98
CA THR F 53 -3.51 -15.90 -19.58
C THR F 53 -3.65 -15.91 -18.07
N GLU F 54 -4.75 -15.36 -17.56
CA GLU F 54 -5.01 -15.48 -16.14
C GLU F 54 -5.41 -16.91 -15.88
N ILE F 55 -4.81 -17.53 -14.88
CA ILE F 55 -5.17 -18.87 -14.50
C ILE F 55 -5.75 -18.87 -13.10
N ARG F 56 -6.57 -19.88 -12.77
CA ARG F 56 -7.18 -19.93 -11.45
C ARG F 56 -6.23 -20.60 -10.47
N GLU F 57 -6.44 -20.30 -9.18
CA GLU F 57 -5.61 -20.75 -8.06
C GLU F 57 -4.86 -22.08 -8.28
N GLY F 58 -3.54 -22.01 -8.26
CA GLY F 58 -2.72 -23.20 -8.35
C GLY F 58 -2.80 -24.03 -9.63
N THR F 59 -3.92 -23.98 -10.34
CA THR F 59 -4.11 -24.82 -11.51
C THR F 59 -3.38 -24.29 -12.73
N SER F 60 -3.72 -24.85 -13.88
CA SER F 60 -3.18 -24.42 -15.16
C SER F 60 -4.32 -24.19 -16.14
N GLU F 61 -5.50 -23.91 -15.61
CA GLU F 61 -6.69 -23.71 -16.42
C GLU F 61 -6.93 -22.23 -16.66
N PRO F 62 -7.07 -21.83 -17.94
CA PRO F 62 -7.23 -20.44 -18.38
C PRO F 62 -8.58 -19.87 -18.01
N VAL F 63 -8.63 -18.60 -17.63
CA VAL F 63 -9.89 -17.97 -17.31
C VAL F 63 -10.07 -16.65 -18.06
N ALA F 64 -8.96 -16.07 -18.51
CA ALA F 64 -9.00 -14.81 -19.25
C ALA F 64 -7.74 -14.65 -20.09
N LYS F 65 -7.93 -14.32 -21.36
CA LYS F 65 -6.84 -14.06 -22.30
C LYS F 65 -6.57 -12.57 -22.43
N TYR F 66 -5.32 -12.16 -22.35
CA TYR F 66 -4.99 -10.74 -22.42
C TYR F 66 -3.95 -10.44 -23.50
N GLY F 67 -3.36 -11.49 -24.06
CA GLY F 67 -2.39 -11.32 -25.13
C GLY F 67 -1.08 -10.70 -24.67
N ARG F 68 -0.70 -9.60 -25.29
CA ARG F 68 0.56 -8.95 -24.96
C ARG F 68 0.35 -7.87 -23.91
N VAL F 69 0.91 -8.09 -22.72
CA VAL F 69 0.70 -7.15 -21.62
C VAL F 69 1.97 -6.54 -21.06
N LEU F 70 1.89 -5.25 -20.76
CA LEU F 70 2.92 -4.59 -20.00
C LEU F 70 2.53 -4.63 -18.54
N ILE F 71 3.32 -5.35 -17.75
CA ILE F 71 3.02 -5.50 -16.33
C ILE F 71 3.92 -4.59 -15.52
N ARG F 72 3.35 -3.94 -14.51
CA ARG F 72 4.09 -3.03 -13.65
C ARG F 72 4.76 -3.79 -12.51
N GLY F 73 6.07 -3.65 -12.38
CA GLY F 73 6.82 -4.44 -11.44
C GLY F 73 6.40 -4.19 -10.01
N SER F 74 5.83 -3.02 -9.78
CA SER F 74 5.41 -2.61 -8.45
C SER F 74 4.35 -3.53 -7.85
N ASN F 75 3.53 -4.13 -8.72
CA ASN F 75 2.38 -4.89 -8.26
C ASN F 75 2.58 -6.40 -8.26
N ILE F 76 3.81 -6.85 -8.34
CA ILE F 76 4.10 -8.27 -8.45
C ILE F 76 4.47 -8.86 -7.10
N LEU F 77 3.89 -10.01 -6.77
CA LEU F 77 4.32 -10.78 -5.60
C LEU F 77 5.56 -11.59 -5.96
N PHE F 78 5.45 -12.44 -6.97
CA PHE F 78 6.60 -13.19 -7.44
C PHE F 78 6.47 -13.57 -8.91
N ILE F 79 7.57 -14.09 -9.45
CA ILE F 79 7.61 -14.56 -10.84
C ILE F 79 8.18 -15.97 -10.86
N SER F 80 7.36 -16.94 -11.23
CA SER F 80 7.85 -18.30 -11.36
C SER F 80 8.55 -18.46 -12.69
N VAL F 81 9.87 -18.31 -12.69
CA VAL F 81 10.64 -18.40 -13.91
C VAL F 81 10.68 -19.85 -14.38
N ASP F 82 10.73 -20.03 -15.70
CA ASP F 82 10.46 -21.32 -16.35
C ASP F 82 9.35 -22.08 -15.64
N TYR F 83 8.12 -21.76 -15.98
CA TYR F 83 6.98 -22.36 -15.30
C TYR F 83 6.46 -23.56 -16.07
N GLU F 84 7.01 -23.79 -17.26
CA GLU F 84 6.49 -24.82 -18.15
C GLU F 84 6.54 -26.21 -17.55
N THR F 85 7.73 -26.62 -17.13
CA THR F 85 7.92 -27.95 -16.57
C THR F 85 7.12 -28.10 -15.29
N VAL F 86 6.79 -26.98 -14.67
CA VAL F 86 5.99 -27.00 -13.44
C VAL F 86 4.51 -27.12 -13.79
N MET F 87 4.20 -28.07 -14.67
CA MET F 87 2.83 -28.39 -15.03
C MET F 87 2.71 -29.91 -15.06
N ASN F 88 3.22 -30.53 -13.99
CA ASN F 88 3.18 -31.97 -13.80
C ASN F 88 1.76 -32.46 -13.52
N SER F 89 1.17 -31.88 -12.49
CA SER F 89 -0.13 -32.31 -11.99
C SER F 89 -1.16 -32.42 -13.10
N GLU F 90 -1.21 -31.40 -13.96
CA GLU F 90 -2.10 -31.45 -15.10
C GLU F 90 -1.32 -31.20 -16.39
N LYS F 91 -1.53 -30.03 -17.00
CA LYS F 91 -1.00 -29.78 -18.35
C LYS F 91 -0.84 -28.29 -18.64
N VAL G 9 28.58 -6.13 15.12
CA VAL G 9 27.29 -6.80 15.30
C VAL G 9 26.18 -6.03 14.56
N GLU G 10 25.14 -6.77 14.20
CA GLU G 10 23.92 -6.25 13.57
C GLU G 10 24.14 -5.82 12.12
N ASN G 11 23.01 -5.72 11.42
CA ASN G 11 22.80 -5.58 9.97
C ASN G 11 21.92 -6.73 9.56
N PRO G 12 20.59 -6.52 9.68
CA PRO G 12 19.58 -7.56 9.43
C PRO G 12 19.74 -8.27 8.10
N LEU G 13 20.24 -7.56 7.09
CA LEU G 13 20.40 -8.13 5.77
C LEU G 13 21.42 -9.26 5.75
N LYS G 14 22.37 -9.22 6.67
CA LYS G 14 23.44 -10.20 6.70
C LYS G 14 22.93 -11.60 7.03
N SER G 15 21.96 -11.68 7.93
CA SER G 15 21.40 -12.97 8.32
C SER G 15 20.67 -13.62 7.16
N LEU G 16 20.21 -12.79 6.23
CA LEU G 16 19.57 -13.25 5.01
C LEU G 16 20.62 -13.79 4.05
N ARG G 17 21.77 -13.11 4.02
CA ARG G 17 22.84 -13.44 3.08
C ARG G 17 23.65 -14.66 3.48
N THR G 18 23.53 -15.08 4.73
CA THR G 18 24.19 -16.30 5.20
C THR G 18 23.23 -17.48 5.13
N ALA G 19 22.01 -17.22 4.64
CA ALA G 19 20.97 -18.24 4.59
C ALA G 19 20.91 -18.91 3.23
N ILE G 20 21.85 -18.57 2.35
CA ILE G 20 21.90 -19.15 1.02
C ILE G 20 22.13 -20.66 1.12
N ASN G 21 21.54 -21.40 0.19
CA ASN G 21 21.63 -22.86 0.14
C ASN G 21 21.02 -23.48 1.38
N ARG G 22 20.04 -22.79 1.95
CA ARG G 22 19.28 -23.29 3.07
C ARG G 22 17.82 -23.23 2.73
N ILE G 23 17.00 -23.92 3.52
CA ILE G 23 15.56 -23.89 3.31
C ILE G 23 14.94 -22.77 4.14
N VAL G 24 14.29 -21.85 3.46
CA VAL G 24 13.71 -20.69 4.11
C VAL G 24 12.19 -20.73 4.07
N LEU G 25 11.56 -19.82 4.79
CA LEU G 25 10.13 -19.64 4.70
C LEU G 25 9.81 -18.17 4.53
N VAL G 26 9.01 -17.85 3.50
CA VAL G 26 8.66 -16.47 3.20
C VAL G 26 7.17 -16.24 3.35
N LYS G 27 6.80 -15.34 4.24
CA LYS G 27 5.41 -14.96 4.35
C LYS G 27 5.22 -13.67 3.58
N LEU G 28 4.33 -13.69 2.60
CA LEU G 28 4.11 -12.54 1.74
C LEU G 28 2.92 -11.70 2.20
N LYS G 29 2.78 -10.52 1.60
CA LYS G 29 1.76 -9.56 1.98
C LYS G 29 0.34 -10.09 1.78
N ASP G 30 0.16 -11.00 0.82
CA ASP G 30 -1.14 -11.62 0.61
C ASP G 30 -1.52 -12.52 1.77
N GLY G 31 -0.58 -12.75 2.68
CA GLY G 31 -0.81 -13.53 3.87
C GLY G 31 -0.42 -14.98 3.72
N SER G 32 0.10 -15.34 2.56
CA SER G 32 0.46 -16.73 2.31
C SER G 32 1.94 -16.98 2.56
N GLU G 33 2.26 -18.23 2.89
CA GLU G 33 3.64 -18.62 3.16
C GLU G 33 4.15 -19.61 2.12
N TYR G 34 5.44 -19.57 1.85
CA TYR G 34 6.07 -20.48 0.91
C TYR G 34 7.39 -20.99 1.48
N ILE G 35 7.81 -22.18 1.09
CA ILE G 35 9.16 -22.64 1.42
C ILE G 35 9.95 -22.85 0.15
N GLY G 36 11.27 -22.89 0.29
CA GLY G 36 12.15 -23.05 -0.85
C GLY G 36 13.60 -22.95 -0.42
N LYS G 37 14.49 -23.26 -1.34
CA LYS G 37 15.93 -23.20 -1.09
C LYS G 37 16.47 -21.87 -1.60
N LEU G 38 16.93 -21.03 -0.68
CA LEU G 38 17.36 -19.69 -1.02
C LEU G 38 18.57 -19.74 -1.94
N GLU G 39 18.66 -18.81 -2.89
CA GLU G 39 19.80 -18.82 -3.81
C GLU G 39 20.36 -17.45 -4.21
N GLN G 40 19.54 -16.42 -4.17
CA GLN G 40 20.01 -15.09 -4.48
C GLN G 40 19.21 -14.09 -3.67
N THR G 41 19.90 -13.18 -3.01
CA THR G 41 19.26 -12.08 -2.30
C THR G 41 20.00 -10.80 -2.62
N ASP G 42 19.35 -9.66 -2.45
CA ASP G 42 20.02 -8.39 -2.62
C ASP G 42 19.58 -7.42 -1.54
N GLY G 43 20.02 -6.17 -1.66
CA GLY G 43 19.71 -5.16 -0.67
C GLY G 43 18.23 -4.84 -0.54
N THR G 44 17.48 -5.06 -1.62
CA THR G 44 16.05 -4.79 -1.60
C THR G 44 15.30 -6.05 -1.20
N MET G 45 16.03 -7.01 -0.63
CA MET G 45 15.47 -8.28 -0.17
C MET G 45 14.74 -9.04 -1.26
N ASN G 46 15.14 -8.85 -2.52
CA ASN G 46 14.60 -9.68 -3.60
C ASN G 46 15.15 -11.08 -3.49
N LEU G 47 14.27 -12.08 -3.54
CA LEU G 47 14.68 -13.46 -3.30
C LEU G 47 14.51 -14.33 -4.53
N VAL G 48 15.45 -15.25 -4.72
CA VAL G 48 15.33 -16.30 -5.71
C VAL G 48 15.32 -17.66 -5.02
N LEU G 49 14.18 -18.35 -5.06
CA LEU G 49 14.04 -19.63 -4.38
C LEU G 49 13.91 -20.77 -5.37
N ARG G 50 14.43 -21.95 -5.02
CA ARG G 50 14.15 -23.17 -5.75
C ARG G 50 13.11 -24.04 -5.09
N ASP G 51 12.48 -24.88 -5.89
CA ASP G 51 11.49 -25.85 -5.42
C ASP G 51 10.52 -25.20 -4.46
N CYS G 52 9.85 -24.15 -4.93
CA CYS G 52 8.94 -23.40 -4.07
C CYS G 52 7.55 -24.02 -4.00
N THR G 53 7.03 -24.14 -2.79
CA THR G 53 5.69 -24.67 -2.55
C THR G 53 5.00 -23.82 -1.50
N GLU G 54 3.69 -23.64 -1.67
CA GLU G 54 2.91 -22.82 -0.74
C GLU G 54 2.79 -23.51 0.61
N ILE G 55 2.66 -22.73 1.69
CA ILE G 55 2.82 -23.22 3.06
C ILE G 55 1.75 -22.74 4.09
N ARG G 56 1.56 -23.52 5.13
CA ARG G 56 0.31 -23.62 5.93
C ARG G 56 0.36 -23.40 7.48
N GLU G 57 -0.66 -23.94 8.10
CA GLU G 57 -0.80 -24.17 9.55
C GLU G 57 -0.20 -25.48 10.13
N GLY G 58 1.11 -25.46 10.41
CA GLY G 58 1.75 -26.66 10.94
C GLY G 58 2.53 -27.40 9.90
N THR G 59 3.37 -28.33 10.37
CA THR G 59 4.34 -29.06 9.57
C THR G 59 4.74 -28.21 8.37
N SER G 60 4.15 -28.55 7.21
CA SER G 60 4.27 -27.81 5.95
C SER G 60 3.80 -28.71 4.83
N GLU G 61 2.91 -28.19 3.98
CA GLU G 61 2.25 -28.98 2.95
C GLU G 61 3.03 -28.77 1.65
N PRO G 62 2.54 -29.37 0.55
CA PRO G 62 2.78 -29.00 -0.85
C PRO G 62 1.49 -28.57 -1.53
N VAL G 63 0.93 -27.41 -1.18
CA VAL G 63 -0.33 -26.99 -1.76
C VAL G 63 -0.14 -26.66 -3.22
N ALA G 64 0.85 -25.83 -3.50
CA ALA G 64 1.11 -25.43 -4.87
C ALA G 64 2.60 -25.26 -5.11
N LYS G 65 3.14 -26.08 -6.02
CA LYS G 65 4.51 -25.94 -6.44
C LYS G 65 4.60 -24.79 -7.43
N TYR G 66 5.61 -23.93 -7.26
CA TYR G 66 5.81 -22.85 -8.21
C TYR G 66 7.21 -22.90 -8.80
N GLY G 67 7.99 -23.87 -8.33
CA GLY G 67 9.30 -24.14 -8.88
C GLY G 67 10.37 -23.14 -8.47
N ARG G 68 11.07 -22.60 -9.46
CA ARG G 68 12.07 -21.59 -9.23
C ARG G 68 11.42 -20.21 -9.38
N VAL G 69 11.28 -19.50 -8.27
CA VAL G 69 10.58 -18.22 -8.29
C VAL G 69 11.45 -17.06 -7.84
N LEU G 70 11.23 -15.91 -8.46
CA LEU G 70 11.83 -14.66 -7.99
C LEU G 70 10.84 -13.94 -7.09
N ILE G 71 11.25 -13.64 -5.88
CA ILE G 71 10.35 -12.99 -4.94
C ILE G 71 10.70 -11.52 -4.70
N ARG G 72 9.81 -10.63 -5.10
CA ARG G 72 10.01 -9.19 -4.95
C ARG G 72 9.93 -8.79 -3.48
N GLY G 73 11.03 -8.25 -2.96
CA GLY G 73 11.16 -8.00 -1.53
C GLY G 73 10.20 -7.00 -0.92
N SER G 74 9.56 -6.19 -1.75
CA SER G 74 8.70 -5.11 -1.27
C SER G 74 7.38 -5.61 -0.70
N ASN G 75 7.09 -6.88 -0.95
CA ASN G 75 5.81 -7.46 -0.56
C ASN G 75 6.00 -8.65 0.35
N ILE G 76 7.14 -8.71 1.01
CA ILE G 76 7.42 -9.77 1.97
C ILE G 76 7.15 -9.29 3.38
N LEU G 77 6.43 -10.09 4.15
CA LEU G 77 6.21 -9.78 5.56
C LEU G 77 7.46 -10.14 6.33
N PHE G 78 7.91 -11.39 6.18
CA PHE G 78 9.16 -11.82 6.78
C PHE G 78 9.72 -13.07 6.13
N ILE G 79 10.93 -13.42 6.53
CA ILE G 79 11.65 -14.58 6.01
C ILE G 79 12.23 -15.36 7.18
N SER G 80 11.88 -16.63 7.28
CA SER G 80 12.45 -17.52 8.30
C SER G 80 13.70 -18.21 7.74
N VAL G 81 14.87 -17.79 8.23
CA VAL G 81 16.13 -18.15 7.58
C VAL G 81 16.67 -19.53 7.94
N ASP G 82 16.16 -20.12 9.01
CA ASP G 82 16.54 -21.48 9.37
C ASP G 82 15.30 -22.35 9.57
N TYR G 83 14.48 -22.46 8.53
CA TYR G 83 13.20 -23.12 8.70
C TYR G 83 13.32 -24.64 8.77
N GLU G 84 14.46 -25.18 8.38
CA GLU G 84 14.62 -26.61 8.44
C GLU G 84 14.74 -27.06 9.89
N THR G 85 15.45 -26.28 10.68
CA THR G 85 15.56 -26.51 12.12
C THR G 85 14.19 -26.49 12.79
N VAL G 86 13.28 -25.71 12.23
CA VAL G 86 11.94 -25.60 12.78
C VAL G 86 11.12 -26.86 12.52
N MET G 87 11.07 -27.29 11.27
CA MET G 87 10.31 -28.49 10.94
C MET G 87 11.14 -29.74 11.22
N ASN G 88 12.28 -29.55 11.88
CA ASN G 88 13.00 -30.64 12.52
C ASN G 88 12.74 -30.64 14.02
N SER G 89 11.48 -30.78 14.38
CA SER G 89 11.06 -30.78 15.77
C SER G 89 9.69 -31.44 15.91
#